data_3AM1
#
_entry.id   3AM1
#
_cell.length_a   46.749
_cell.length_b   46.749
_cell.length_c   459.712
_cell.angle_alpha   90.000
_cell.angle_beta   90.000
_cell.angle_gamma   120.000
#
_symmetry.space_group_name_H-M   'P 31 1 2'
#
loop_
_entity.id
_entity.type
_entity.pdbx_description
1 polymer 'L-seryl-tRNA(Sec) kinase'
2 polymer 'ASL-truncated tRNA'
3 non-polymer "ADENOSINE-5'-TRIPHOSPHATE"
4 non-polymer 'MAGNESIUM ION'
5 water water
#
loop_
_entity_poly.entity_id
_entity_poly.type
_entity_poly.pdbx_seq_one_letter_code
_entity_poly.pdbx_strand_id
1 'polypeptide(L)'
;MGDIMLIILTGLPGVGKSTFSKNLAKILSKNNIDVIVLGSDLIRESFPVWKEKYEEFIKKSTYRLIDSALKNYWVIVDDT
NYYNSMRRDLINIAKKYNKNYAIIYLKASLDVLIRRNIERGEKIPNEVIKKMYEKFDEPGKKYKWDEPFLIIDTTKDIDF
NEIAKKLIEKSKEIPKFYVLEENKNKNNNISDKIDKETRKIVSEYIKSKKLDKDKIKEVVELRKEFLKKIKKMEEVDADR
VLKEFKDLLNSYLEHHHHHH
;
A
2 'polyribonucleotide'
;GGCGCGGGGUACCGGGCUUGGUAGCCCGGGGCUUCGGCCGAGGGCGAGAGCCCUCGGGGUUCGAUUCCCCCCCUGCGCCG
C
;
B
#
loop_
_chem_comp.id
_chem_comp.type
_chem_comp.name
_chem_comp.formula
A RNA linking ADENOSINE-5'-MONOPHOSPHATE 'C10 H14 N5 O7 P'
ATP non-polymer ADENOSINE-5'-TRIPHOSPHATE 'C10 H16 N5 O13 P3'
C RNA linking CYTIDINE-5'-MONOPHOSPHATE 'C9 H14 N3 O8 P'
G RNA linking GUANOSINE-5'-MONOPHOSPHATE 'C10 H14 N5 O8 P'
MG non-polymer 'MAGNESIUM ION' 'Mg 2'
U RNA linking URIDINE-5'-MONOPHOSPHATE 'C9 H13 N2 O9 P'
#
# COMPACT_ATOMS: atom_id res chain seq x y z
N ASP A 3 14.22 8.13 -13.92
CA ASP A 3 14.13 7.36 -12.68
C ASP A 3 13.74 8.26 -11.51
N ILE A 4 12.57 8.87 -11.62
CA ILE A 4 12.09 9.80 -10.60
C ILE A 4 11.22 9.07 -9.58
N MET A 5 11.22 9.56 -8.35
CA MET A 5 10.36 9.00 -7.32
C MET A 5 10.06 9.89 -6.11
N LEU A 6 8.85 9.73 -5.59
CA LEU A 6 8.37 10.38 -4.38
C LEU A 6 8.82 9.62 -3.13
N ILE A 7 9.66 10.26 -2.31
CA ILE A 7 10.17 9.65 -1.10
C ILE A 7 9.42 10.19 0.11
N ILE A 8 8.53 9.36 0.68
CA ILE A 8 7.62 9.80 1.74
C ILE A 8 8.14 9.55 3.16
N LEU A 9 8.92 10.49 3.71
CA LEU A 9 9.31 10.35 5.12
C LEU A 9 8.09 10.25 6.01
N THR A 10 8.30 9.73 7.22
CA THR A 10 7.23 9.56 8.18
C THR A 10 7.80 9.33 9.56
N GLY A 11 7.01 9.61 10.59
CA GLY A 11 7.55 9.65 11.94
C GLY A 11 7.05 10.84 12.73
N LEU A 12 7.29 10.80 14.03
CA LEU A 12 6.85 11.86 14.93
C LEU A 12 7.83 13.04 14.94
N PRO A 13 7.38 14.18 15.50
CA PRO A 13 8.24 15.34 15.68
C PRO A 13 9.32 15.08 16.73
N GLY A 14 10.54 15.51 16.43
CA GLY A 14 11.66 15.32 17.33
C GLY A 14 12.54 14.21 16.78
N VAL A 15 11.97 13.39 15.90
CA VAL A 15 12.70 12.24 15.37
C VAL A 15 13.90 12.69 14.51
N GLY A 16 13.69 13.70 13.67
CA GLY A 16 14.79 14.26 12.90
C GLY A 16 14.60 14.21 11.41
N LYS A 17 13.35 14.38 10.97
CA LYS A 17 13.02 14.32 9.55
C LYS A 17 13.74 15.40 8.71
N SER A 18 13.73 16.63 9.19
CA SER A 18 14.29 17.70 8.38
C SER A 18 15.77 17.50 8.21
N THR A 19 16.48 17.32 9.32
CA THR A 19 17.91 17.09 9.24
C THR A 19 18.20 15.90 8.35
N PHE A 20 17.39 14.86 8.50
CA PHE A 20 17.53 13.71 7.63
C PHE A 20 17.41 14.15 6.18
N SER A 21 16.30 14.82 5.86
CA SER A 21 16.01 15.25 4.50
C SER A 21 17.22 15.94 3.89
N LYS A 22 17.72 16.95 4.59
CA LYS A 22 18.83 17.77 4.10
C LYS A 22 20.00 16.90 3.68
N ASN A 23 20.42 16.02 4.59
CA ASN A 23 21.54 15.12 4.33
C ASN A 23 21.24 14.14 3.20
N LEU A 24 20.04 13.60 3.21
CA LEU A 24 19.66 12.67 2.17
C LEU A 24 19.73 13.40 0.84
N ALA A 25 19.10 14.57 0.79
CA ALA A 25 19.12 15.40 -0.42
C ALA A 25 20.54 15.66 -0.89
N LYS A 26 21.35 16.23 0.01
CA LYS A 26 22.73 16.58 -0.29
C LYS A 26 23.47 15.40 -0.89
N ILE A 27 23.38 14.24 -0.25
CA ILE A 27 24.11 13.09 -0.78
C ILE A 27 23.50 12.66 -2.12
N LEU A 28 22.19 12.53 -2.17
CA LEU A 28 21.53 12.18 -3.41
C LEU A 28 22.00 13.07 -4.55
N SER A 29 22.06 14.37 -4.26
CA SER A 29 22.49 15.37 -5.23
C SER A 29 23.96 15.18 -5.59
N LYS A 30 24.76 14.73 -4.62
CA LYS A 30 26.15 14.36 -4.89
C LYS A 30 26.18 13.27 -5.97
N ASN A 31 25.10 12.50 -6.10
CA ASN A 31 25.03 11.49 -7.15
C ASN A 31 24.28 11.99 -8.35
N ASN A 32 24.36 13.30 -8.56
CA ASN A 32 23.75 13.97 -9.71
C ASN A 32 22.28 13.61 -9.91
N ILE A 33 21.48 13.85 -8.88
CA ILE A 33 20.06 13.59 -8.93
C ILE A 33 19.34 14.83 -8.47
N ASP A 34 18.43 15.31 -9.29
CA ASP A 34 17.73 16.57 -9.00
C ASP A 34 16.57 16.31 -8.06
N VAL A 35 16.74 16.70 -6.82
CA VAL A 35 15.76 16.41 -5.79
C VAL A 35 15.46 17.68 -5.01
N ILE A 36 14.19 17.90 -4.70
CA ILE A 36 13.80 19.03 -3.87
C ILE A 36 13.15 18.53 -2.59
N VAL A 37 13.37 19.23 -1.48
CA VAL A 37 12.77 18.83 -0.20
C VAL A 37 11.56 19.70 0.13
N LEU A 38 10.37 19.11 0.15
CA LEU A 38 9.12 19.82 0.44
C LEU A 38 8.36 19.33 1.69
N GLY A 39 7.81 20.28 2.45
CA GLY A 39 6.93 19.99 3.57
C GLY A 39 6.01 21.17 3.88
N SER A 40 4.91 20.92 4.57
CA SER A 40 3.95 21.96 4.91
C SER A 40 4.57 23.10 5.73
N ASP A 41 5.64 22.80 6.45
CA ASP A 41 6.31 23.83 7.26
C ASP A 41 6.90 24.95 6.41
N LEU A 42 7.25 24.61 5.18
CA LEU A 42 7.79 25.54 4.21
C LEU A 42 6.87 26.74 4.11
N ILE A 43 5.58 26.48 4.24
CA ILE A 43 4.57 27.51 4.03
C ILE A 43 3.97 27.94 5.37
N ARG A 44 3.86 26.98 6.27
CA ARG A 44 3.40 27.28 7.62
C ARG A 44 4.20 28.46 8.20
N GLU A 45 5.49 28.49 7.87
CA GLU A 45 6.43 29.39 8.53
C GLU A 45 6.76 30.62 7.70
N SER A 46 6.03 30.80 6.62
CA SER A 46 6.09 32.01 5.83
C SER A 46 5.13 33.05 6.38
N PHE A 47 4.13 32.62 7.15
CA PHE A 47 3.27 33.54 7.87
C PHE A 47 4.07 33.99 9.04
N PRO A 48 3.67 35.10 9.67
CA PRO A 48 4.39 35.59 10.84
C PRO A 48 3.81 35.01 12.13
N VAL A 49 2.67 34.34 12.02
CA VAL A 49 2.06 33.66 13.17
C VAL A 49 1.22 32.47 12.73
N TRP A 50 0.84 31.63 13.69
CA TRP A 50 0.00 30.48 13.37
C TRP A 50 -1.46 30.71 13.76
N LYS A 51 -2.35 30.57 12.79
CA LYS A 51 -3.76 30.46 13.07
C LYS A 51 -4.26 29.16 12.41
N GLU A 52 -5.16 28.45 13.10
CA GLU A 52 -5.72 27.23 12.55
C GLU A 52 -6.26 27.40 11.13
N LYS A 53 -6.76 28.59 10.80
CA LYS A 53 -7.36 28.83 9.48
C LYS A 53 -6.33 28.79 8.34
N TYR A 54 -5.06 28.96 8.68
CA TYR A 54 -4.01 28.89 7.68
C TYR A 54 -3.86 27.47 7.14
N GLU A 55 -4.30 26.50 7.93
CA GLU A 55 -4.07 25.09 7.66
C GLU A 55 -4.69 24.61 6.35
N GLU A 56 -5.91 25.04 6.06
CA GLU A 56 -6.50 24.73 4.77
C GLU A 56 -5.56 25.11 3.62
N PHE A 57 -4.99 26.30 3.71
CA PHE A 57 -4.18 26.86 2.64
C PHE A 57 -2.81 26.18 2.52
N ILE A 58 -2.14 26.07 3.66
CA ILE A 58 -0.89 25.35 3.82
C ILE A 58 -0.90 23.93 3.25
N LYS A 59 -2.01 23.20 3.41
CA LYS A 59 -2.11 21.85 2.87
C LYS A 59 -2.27 21.87 1.36
N LYS A 60 -3.28 22.60 0.86
CA LYS A 60 -3.54 22.67 -0.57
C LYS A 60 -2.32 23.14 -1.32
N SER A 61 -1.58 24.05 -0.70
CA SER A 61 -0.43 24.66 -1.33
C SER A 61 0.75 23.70 -1.36
N THR A 62 1.09 23.16 -0.18
CA THR A 62 2.09 22.11 -0.07
C THR A 62 1.88 20.92 -1.02
N TYR A 63 0.64 20.46 -1.17
CA TYR A 63 0.36 19.41 -2.14
C TYR A 63 0.66 19.87 -3.57
N ARG A 64 0.03 20.96 -4.01
CA ARG A 64 0.25 21.46 -5.36
C ARG A 64 1.76 21.57 -5.60
N LEU A 65 2.47 22.08 -4.59
CA LEU A 65 3.92 22.11 -4.69
C LEU A 65 4.49 20.75 -5.06
N ILE A 66 4.20 19.76 -4.22
CA ILE A 66 4.66 18.38 -4.43
C ILE A 66 4.20 17.81 -5.78
N ASP A 67 2.90 17.92 -6.05
CA ASP A 67 2.36 17.47 -7.32
C ASP A 67 3.15 18.10 -8.47
N SER A 68 3.49 19.37 -8.32
CA SER A 68 4.10 20.11 -9.41
C SER A 68 5.55 19.73 -9.62
N ALA A 69 6.28 19.62 -8.51
CA ALA A 69 7.69 19.22 -8.48
C ALA A 69 7.94 17.77 -8.93
N LEU A 70 7.07 16.85 -8.53
CA LEU A 70 7.31 15.45 -8.86
C LEU A 70 7.43 15.23 -10.37
N LYS A 71 6.78 16.07 -11.16
CA LYS A 71 6.79 15.90 -12.61
C LYS A 71 8.21 15.93 -13.18
N ASN A 72 9.11 16.61 -12.48
CA ASN A 72 10.46 16.89 -12.96
C ASN A 72 11.55 16.42 -12.00
N TYR A 73 11.19 16.22 -10.74
CA TYR A 73 12.21 15.99 -9.72
C TYR A 73 11.84 14.90 -8.72
N TRP A 74 12.86 14.35 -8.07
CA TRP A 74 12.67 13.59 -6.85
C TRP A 74 12.10 14.58 -5.86
N VAL A 75 11.03 14.23 -5.17
CA VAL A 75 10.62 15.02 -4.02
C VAL A 75 10.89 14.19 -2.76
N ILE A 76 11.52 14.81 -1.77
CA ILE A 76 11.56 14.27 -0.43
C ILE A 76 10.57 15.03 0.44
N VAL A 77 9.45 14.38 0.76
CA VAL A 77 8.43 14.99 1.61
C VAL A 77 8.79 14.97 3.10
N ASP A 78 9.13 16.14 3.64
CA ASP A 78 9.54 16.32 5.03
C ASP A 78 8.34 16.58 5.93
N ASP A 79 7.42 15.63 6.03
CA ASP A 79 6.33 15.79 6.98
C ASP A 79 6.16 14.60 7.92
N THR A 80 5.47 14.84 9.03
CA THR A 80 5.20 13.85 10.06
C THR A 80 4.40 12.63 9.55
N ASN A 81 3.45 12.90 8.66
CA ASN A 81 2.73 11.85 7.95
C ASN A 81 2.19 10.70 8.83
N TYR A 82 1.63 11.05 9.98
CA TYR A 82 1.24 10.07 11.01
C TYR A 82 0.06 9.16 10.65
N TYR A 83 -0.96 9.69 9.99
CA TYR A 83 -2.05 8.82 9.59
C TYR A 83 -1.73 8.12 8.28
N ASN A 84 -2.39 6.99 8.04
CA ASN A 84 -2.10 6.25 6.83
C ASN A 84 -2.76 6.89 5.61
N SER A 85 -3.93 7.51 5.79
CA SER A 85 -4.55 8.29 4.71
C SER A 85 -3.60 9.39 4.25
N MET A 86 -2.85 9.97 5.21
CA MET A 86 -1.84 10.97 4.87
C MET A 86 -0.82 10.45 3.87
N ARG A 87 -0.34 9.23 4.09
CA ARG A 87 0.64 8.64 3.18
C ARG A 87 -0.01 8.17 1.88
N ARG A 88 -1.27 7.77 1.94
CA ARG A 88 -2.04 7.52 0.72
C ARG A 88 -2.14 8.80 -0.13
N ASP A 89 -2.57 9.88 0.51
CA ASP A 89 -2.76 11.14 -0.19
C ASP A 89 -1.50 11.51 -0.95
N LEU A 90 -0.34 11.39 -0.30
CA LEU A 90 0.92 11.50 -1.03
C LEU A 90 1.10 10.41 -2.10
N ILE A 91 0.90 9.13 -1.71
CA ILE A 91 1.11 8.05 -2.69
C ILE A 91 0.35 8.33 -3.97
N ASN A 92 -0.85 8.90 -3.84
CA ASN A 92 -1.70 9.21 -5.01
C ASN A 92 -1.14 10.20 -6.03
N ILE A 93 -0.25 11.06 -5.60
CA ILE A 93 0.40 11.98 -6.52
C ILE A 93 1.43 11.20 -7.32
N ALA A 94 2.21 10.40 -6.61
CA ALA A 94 3.11 9.45 -7.25
C ALA A 94 2.30 8.58 -8.21
N LYS A 95 1.18 8.07 -7.72
CA LYS A 95 0.34 7.23 -8.56
C LYS A 95 -0.05 7.96 -9.82
N LYS A 96 -0.55 9.17 -9.66
CA LYS A 96 -1.01 10.03 -10.75
C LYS A 96 0.01 10.16 -11.89
N TYR A 97 1.29 10.23 -11.53
CA TYR A 97 2.35 10.44 -12.50
C TYR A 97 3.11 9.16 -12.80
N ASN A 98 2.63 8.05 -12.23
CA ASN A 98 3.27 6.74 -12.34
C ASN A 98 4.73 6.75 -11.91
N LYS A 99 4.99 7.22 -10.70
CA LYS A 99 6.34 7.35 -10.21
C LYS A 99 6.49 6.43 -9.02
N ASN A 100 7.71 5.95 -8.80
CA ASN A 100 7.95 5.04 -7.68
C ASN A 100 7.82 5.84 -6.40
N TYR A 101 7.72 5.15 -5.28
CA TYR A 101 7.81 5.82 -4.00
C TYR A 101 8.47 4.94 -2.95
N ALA A 102 8.80 5.57 -1.83
CA ALA A 102 9.59 4.95 -0.79
C ALA A 102 9.28 5.61 0.53
N ILE A 103 8.47 4.95 1.34
CA ILE A 103 8.25 5.39 2.71
C ILE A 103 9.52 5.15 3.51
N ILE A 104 9.86 6.11 4.38
CA ILE A 104 11.04 6.01 5.22
C ILE A 104 10.59 6.33 6.62
N TYR A 105 10.61 5.33 7.48
CA TYR A 105 10.03 5.47 8.80
C TYR A 105 11.14 5.79 9.78
N LEU A 106 11.45 7.08 9.90
CA LEU A 106 12.38 7.53 10.92
C LEU A 106 11.78 7.16 12.27
N LYS A 107 12.31 6.10 12.86
CA LYS A 107 11.70 5.55 14.06
C LYS A 107 12.49 5.90 15.31
N ALA A 108 11.75 6.02 16.40
CA ALA A 108 12.35 6.21 17.72
C ALA A 108 11.29 6.02 18.82
N SER A 109 11.71 5.40 19.92
CA SER A 109 10.85 5.15 21.07
C SER A 109 10.32 6.44 21.68
N LEU A 110 9.15 6.37 22.31
CA LEU A 110 8.53 7.56 22.88
C LEU A 110 9.47 8.35 23.80
N ASP A 111 10.35 7.64 24.50
CA ASP A 111 11.23 8.29 25.47
C ASP A 111 12.37 9.05 24.82
N VAL A 112 12.95 8.50 23.74
CA VAL A 112 13.97 9.26 23.04
C VAL A 112 13.32 10.49 22.44
N LEU A 113 12.04 10.35 22.06
CA LEU A 113 11.27 11.47 21.51
C LEU A 113 11.02 12.52 22.58
N ILE A 114 10.57 12.06 23.74
CA ILE A 114 10.36 12.96 24.86
C ILE A 114 11.67 13.66 25.25
N ARG A 115 12.79 12.92 25.23
CA ARG A 115 14.09 13.54 25.49
C ARG A 115 14.36 14.63 24.46
N ARG A 116 14.12 14.31 23.19
CA ARG A 116 14.51 15.18 22.08
C ARG A 116 13.70 16.47 22.07
N ASN A 117 12.41 16.37 22.38
CA ASN A 117 11.58 17.55 22.52
C ASN A 117 12.11 18.44 23.63
N ILE A 118 12.15 17.89 24.84
CA ILE A 118 12.75 18.56 25.99
C ILE A 118 14.04 19.30 25.61
N GLU A 119 14.93 18.60 24.91
CA GLU A 119 16.19 19.19 24.46
C GLU A 119 15.96 20.34 23.49
N ARG A 120 14.82 20.33 22.83
CA ARG A 120 14.49 21.40 21.89
C ARG A 120 13.67 22.47 22.60
N GLY A 121 13.68 22.41 23.94
CA GLY A 121 12.95 23.40 24.73
C GLY A 121 11.46 23.16 24.74
N GLU A 122 11.06 21.92 24.53
CA GLU A 122 9.66 21.54 24.52
C GLU A 122 8.80 22.62 23.89
N LYS A 123 9.14 23.01 22.67
CA LYS A 123 8.33 23.96 21.91
C LYS A 123 6.98 23.35 21.55
N ILE A 124 6.76 22.10 21.97
CA ILE A 124 5.47 21.42 21.78
C ILE A 124 5.15 20.62 23.04
N PRO A 125 3.99 20.89 23.65
CA PRO A 125 3.63 20.22 24.91
C PRO A 125 3.98 18.74 24.86
N ASN A 126 4.87 18.30 25.73
CA ASN A 126 5.31 16.91 25.75
C ASN A 126 4.17 15.91 25.56
N GLU A 127 3.01 16.24 26.09
CA GLU A 127 1.87 15.33 26.04
C GLU A 127 1.27 15.27 24.64
N VAL A 128 1.69 16.19 23.77
CA VAL A 128 1.27 16.15 22.37
C VAL A 128 2.18 15.24 21.54
N ILE A 129 3.44 15.12 21.92
CA ILE A 129 4.29 14.09 21.34
C ILE A 129 3.68 12.75 21.74
N LYS A 130 3.31 12.66 23.02
CA LYS A 130 2.68 11.46 23.59
C LYS A 130 1.29 11.18 22.99
N LYS A 131 0.55 12.21 22.65
CA LYS A 131 -0.74 12.04 21.97
C LYS A 131 -0.53 11.67 20.51
N MET A 132 0.47 12.27 19.88
CA MET A 132 0.85 11.92 18.51
C MET A 132 1.41 10.51 18.44
N TYR A 133 1.92 10.02 19.56
CA TYR A 133 2.44 8.66 19.64
C TYR A 133 1.29 7.67 19.64
N GLU A 134 0.41 7.81 20.61
CA GLU A 134 -0.73 6.92 20.74
C GLU A 134 -1.64 7.00 19.51
N LYS A 135 -1.49 8.06 18.72
CA LYS A 135 -2.33 8.24 17.53
C LYS A 135 -1.62 7.85 16.23
N PHE A 136 -0.31 7.68 16.28
CA PHE A 136 0.45 7.35 15.08
C PHE A 136 0.00 6.02 14.50
N ASP A 137 -0.17 5.97 13.18
CA ASP A 137 -0.46 4.70 12.50
C ASP A 137 0.83 4.08 12.00
N GLU A 138 1.20 2.92 12.54
CA GLU A 138 2.40 2.21 12.11
C GLU A 138 2.43 1.87 10.61
N PRO A 139 3.50 2.31 9.93
CA PRO A 139 3.56 2.02 8.48
C PRO A 139 3.46 0.53 8.20
N GLY A 140 2.46 0.11 7.43
CA GLY A 140 2.31 -1.28 7.03
C GLY A 140 1.36 -2.10 7.88
N LYS A 141 1.07 -1.64 9.10
CA LYS A 141 0.18 -2.37 10.01
C LYS A 141 -1.20 -2.66 9.44
N LYS A 142 -1.62 -1.87 8.47
CA LYS A 142 -2.96 -2.04 7.92
C LYS A 142 -2.93 -2.21 6.41
N TYR A 143 -2.01 -1.55 5.73
CA TYR A 143 -1.98 -1.63 4.28
C TYR A 143 -0.63 -2.07 3.76
N LYS A 144 -0.65 -2.94 2.76
CA LYS A 144 0.58 -3.43 2.19
C LYS A 144 1.27 -2.34 1.36
N TRP A 145 0.48 -1.46 0.74
CA TRP A 145 1.06 -0.33 0.03
C TRP A 145 1.82 0.58 1.01
N ASP A 146 1.47 0.48 2.28
CA ASP A 146 2.00 1.38 3.33
C ASP A 146 3.30 0.88 3.94
N GLU A 147 3.72 -0.31 3.57
CA GLU A 147 4.99 -0.86 4.08
C GLU A 147 6.13 0.12 3.85
N PRO A 148 6.96 0.29 4.89
CA PRO A 148 8.15 1.13 4.85
C PRO A 148 9.21 0.50 3.96
N PHE A 149 9.77 1.29 3.05
CA PHE A 149 10.90 0.81 2.27
C PHE A 149 12.13 0.83 3.15
N LEU A 150 12.06 1.57 4.25
CA LEU A 150 13.20 1.68 5.16
C LEU A 150 12.76 2.13 6.54
N ILE A 151 13.53 1.74 7.54
CA ILE A 151 13.25 2.11 8.91
C ILE A 151 14.55 2.58 9.52
N ILE A 152 14.69 3.88 9.70
CA ILE A 152 15.93 4.45 10.21
C ILE A 152 15.86 4.67 11.73
N ASP A 153 16.92 4.24 12.41
CA ASP A 153 17.04 4.47 13.83
C ASP A 153 17.86 5.74 14.03
N THR A 154 17.25 6.70 14.69
CA THR A 154 17.81 8.05 14.80
C THR A 154 18.79 8.19 15.96
N THR A 155 18.58 7.43 17.02
CA THR A 155 19.52 7.37 18.14
C THR A 155 20.87 6.92 17.60
N LYS A 156 20.83 5.91 16.75
CA LYS A 156 22.05 5.38 16.17
C LYS A 156 22.55 6.26 15.03
N ASP A 157 23.86 6.16 14.80
CA ASP A 157 24.54 6.64 13.61
C ASP A 157 23.74 6.27 12.37
N ILE A 158 24.15 6.77 11.21
CA ILE A 158 23.24 6.84 10.05
C ILE A 158 24.02 6.87 8.74
N ASP A 159 23.79 5.86 7.89
CA ASP A 159 24.60 5.72 6.69
C ASP A 159 23.86 6.15 5.43
N PHE A 160 24.20 7.33 4.92
CA PHE A 160 23.50 7.92 3.79
C PHE A 160 24.01 7.41 2.46
N ASN A 161 25.29 7.03 2.43
CA ASN A 161 25.83 6.37 1.26
C ASN A 161 25.05 5.09 0.96
N GLU A 162 24.69 4.39 2.02
CA GLU A 162 23.93 3.16 1.89
C GLU A 162 22.51 3.48 1.47
N ILE A 163 21.84 4.36 2.21
CA ILE A 163 20.47 4.73 1.90
C ILE A 163 20.32 5.31 0.47
N ALA A 164 21.31 6.09 0.04
CA ALA A 164 21.32 6.57 -1.34
C ALA A 164 21.36 5.39 -2.31
N LYS A 165 22.35 4.52 -2.13
CA LYS A 165 22.49 3.33 -2.96
C LYS A 165 21.16 2.61 -3.10
N LYS A 166 20.66 2.15 -1.97
CA LYS A 166 19.41 1.41 -1.93
C LYS A 166 18.35 2.13 -2.74
N LEU A 167 18.22 3.43 -2.52
CA LEU A 167 17.16 4.20 -3.15
C LEU A 167 17.21 4.19 -4.67
N ILE A 168 18.29 4.70 -5.26
CA ILE A 168 18.35 4.75 -6.72
C ILE A 168 18.07 3.38 -7.31
N GLU A 169 18.54 2.33 -6.63
CA GLU A 169 18.25 0.97 -7.06
C GLU A 169 16.75 0.84 -7.20
N LYS A 170 16.02 1.35 -6.21
CA LYS A 170 14.56 1.32 -6.22
C LYS A 170 13.97 2.12 -7.38
N SER A 171 14.57 3.27 -7.69
CA SER A 171 14.08 4.13 -8.75
C SER A 171 14.12 3.42 -10.10
N LYS A 172 14.98 2.41 -10.18
CA LYS A 172 15.14 1.60 -11.39
C LYS A 172 13.96 0.66 -11.69
N GLU A 173 13.11 0.40 -10.70
CA GLU A 173 11.86 -0.32 -10.96
C GLU A 173 10.89 0.47 -11.82
N ILE A 174 10.07 -0.24 -12.60
CA ILE A 174 8.86 0.37 -13.15
C ILE A 174 7.76 0.14 -12.12
N PRO A 175 7.08 1.21 -11.72
CA PRO A 175 6.11 1.17 -10.63
C PRO A 175 5.03 0.08 -10.73
N LYS A 176 4.79 -0.50 -9.56
CA LYS A 176 3.79 -1.53 -9.35
C LYS A 176 2.44 -0.88 -8.98
N PHE A 177 1.61 -0.60 -9.98
CA PHE A 177 0.28 -0.05 -9.76
C PHE A 177 -0.75 -0.93 -10.43
N ASN A 189 -18.16 -20.33 -20.92
CA ASN A 189 -17.15 -21.37 -21.07
C ASN A 189 -17.78 -22.75 -21.26
N ILE A 190 -17.07 -23.62 -21.98
CA ILE A 190 -17.55 -24.99 -22.23
C ILE A 190 -17.51 -25.83 -20.95
N SER A 191 -16.31 -26.12 -20.47
CA SER A 191 -16.15 -26.95 -19.27
C SER A 191 -17.00 -26.45 -18.11
N ASP A 192 -17.23 -25.15 -18.05
CA ASP A 192 -18.11 -24.59 -17.03
C ASP A 192 -19.55 -24.99 -17.31
N LYS A 193 -19.99 -24.75 -18.54
CA LYS A 193 -21.37 -25.03 -18.94
C LYS A 193 -21.69 -26.50 -18.72
N ILE A 194 -20.83 -27.37 -19.25
CA ILE A 194 -20.98 -28.80 -19.04
C ILE A 194 -21.04 -29.16 -17.54
N ASP A 195 -20.08 -28.66 -16.78
CA ASP A 195 -20.13 -28.82 -15.33
C ASP A 195 -21.42 -28.30 -14.66
N LYS A 196 -21.75 -27.04 -14.84
CA LYS A 196 -22.88 -26.47 -14.08
C LYS A 196 -24.21 -26.96 -14.62
N GLU A 197 -24.20 -27.51 -15.82
CA GLU A 197 -25.44 -28.02 -16.41
C GLU A 197 -25.71 -29.46 -16.00
N THR A 198 -24.64 -30.23 -15.76
CA THR A 198 -24.77 -31.56 -15.18
C THR A 198 -25.24 -31.47 -13.73
N ARG A 199 -24.70 -30.52 -12.97
CA ARG A 199 -25.19 -30.24 -11.63
C ARG A 199 -26.70 -30.06 -11.64
N LYS A 200 -27.22 -29.35 -12.63
CA LYS A 200 -28.65 -29.07 -12.71
C LYS A 200 -29.47 -30.33 -12.98
N ILE A 201 -29.03 -31.10 -13.98
CA ILE A 201 -29.60 -32.40 -14.31
C ILE A 201 -29.62 -33.34 -13.10
N VAL A 202 -28.58 -33.24 -12.28
CA VAL A 202 -28.52 -34.03 -11.07
C VAL A 202 -29.51 -33.53 -10.04
N SER A 203 -29.72 -32.22 -9.98
CA SER A 203 -30.64 -31.67 -9.00
C SER A 203 -32.08 -31.93 -9.41
N GLU A 204 -32.28 -32.23 -10.69
CA GLU A 204 -33.60 -32.62 -11.17
C GLU A 204 -33.85 -34.06 -10.82
N TYR A 205 -33.00 -34.94 -11.35
CA TYR A 205 -33.12 -36.39 -11.12
C TYR A 205 -33.26 -36.70 -9.64
N ILE A 206 -32.50 -36.01 -8.81
CA ILE A 206 -32.63 -36.14 -7.38
C ILE A 206 -34.01 -35.66 -6.97
N LYS A 207 -34.24 -34.37 -7.13
CA LYS A 207 -35.47 -33.73 -6.68
C LYS A 207 -36.70 -34.17 -7.47
N SER A 208 -36.57 -35.22 -8.27
CA SER A 208 -37.70 -35.70 -9.07
C SER A 208 -37.89 -37.21 -8.96
N LYS A 209 -36.79 -37.95 -9.01
CA LYS A 209 -36.85 -39.42 -8.90
C LYS A 209 -36.86 -39.92 -7.44
N LYS A 210 -37.05 -39.00 -6.51
CA LYS A 210 -37.17 -39.35 -5.09
C LYS A 210 -36.09 -40.34 -4.61
N LEU A 211 -34.85 -40.08 -5.00
CA LEU A 211 -33.74 -40.92 -4.59
C LEU A 211 -33.52 -40.83 -3.09
N ASP A 212 -32.93 -41.87 -2.51
CA ASP A 212 -32.59 -41.82 -1.10
C ASP A 212 -31.14 -41.42 -0.98
N LYS A 213 -30.72 -41.11 0.24
CA LYS A 213 -29.40 -40.53 0.46
C LYS A 213 -28.31 -41.35 -0.24
N ASP A 214 -28.44 -42.67 -0.19
CA ASP A 214 -27.42 -43.57 -0.74
C ASP A 214 -27.34 -43.49 -2.27
N LYS A 215 -28.48 -43.53 -2.94
CA LYS A 215 -28.50 -43.38 -4.40
C LYS A 215 -28.21 -41.93 -4.77
N ILE A 216 -28.48 -41.00 -3.85
CA ILE A 216 -28.03 -39.64 -4.05
C ILE A 216 -26.52 -39.67 -4.28
N LYS A 217 -25.78 -40.15 -3.29
CA LYS A 217 -24.33 -40.14 -3.37
C LYS A 217 -23.85 -40.81 -4.65
N GLU A 218 -24.59 -41.81 -5.10
CA GLU A 218 -24.18 -42.60 -6.26
C GLU A 218 -24.19 -41.76 -7.55
N VAL A 219 -25.35 -41.21 -7.89
CA VAL A 219 -25.46 -40.35 -9.07
C VAL A 219 -24.47 -39.17 -9.02
N VAL A 220 -24.21 -38.68 -7.82
CA VAL A 220 -23.28 -37.58 -7.62
C VAL A 220 -21.90 -38.04 -8.03
N GLU A 221 -21.52 -39.23 -7.55
CA GLU A 221 -20.18 -39.72 -7.82
C GLU A 221 -20.11 -40.09 -9.29
N LEU A 222 -21.22 -40.64 -9.78
CA LEU A 222 -21.37 -40.99 -11.18
C LEU A 222 -21.13 -39.77 -12.06
N ARG A 223 -21.65 -38.62 -11.64
CA ARG A 223 -21.42 -37.38 -12.35
C ARG A 223 -19.93 -37.03 -12.35
N LYS A 224 -19.32 -37.04 -11.19
CA LYS A 224 -17.89 -36.75 -11.12
C LYS A 224 -17.06 -37.72 -11.99
N GLU A 225 -17.56 -38.94 -12.19
CA GLU A 225 -16.80 -39.90 -12.98
C GLU A 225 -17.09 -39.78 -14.47
N PHE A 226 -18.33 -39.44 -14.80
CA PHE A 226 -18.67 -39.08 -16.18
C PHE A 226 -17.77 -37.94 -16.63
N LEU A 227 -17.62 -36.94 -15.76
CA LEU A 227 -16.85 -35.76 -16.09
C LEU A 227 -15.39 -36.06 -16.37
N LYS A 228 -14.79 -36.94 -15.57
CA LYS A 228 -13.40 -37.33 -15.75
C LYS A 228 -13.15 -37.93 -17.14
N LYS A 229 -14.13 -38.68 -17.64
CA LYS A 229 -13.98 -39.35 -18.92
C LYS A 229 -13.95 -38.32 -20.05
N ILE A 230 -14.79 -37.31 -19.94
CA ILE A 230 -14.92 -36.29 -20.97
C ILE A 230 -13.64 -35.50 -21.18
N LYS A 231 -13.07 -35.00 -20.08
CA LYS A 231 -11.80 -34.29 -20.15
C LYS A 231 -10.80 -35.03 -21.07
N LYS A 232 -10.84 -36.36 -21.02
CA LYS A 232 -9.92 -37.21 -21.79
C LYS A 232 -10.23 -37.25 -23.29
N VAL A 236 -15.89 -33.75 -27.79
CA VAL A 236 -16.43 -32.86 -26.77
C VAL A 236 -17.32 -31.77 -27.40
N ASP A 237 -18.62 -31.87 -27.16
CA ASP A 237 -19.64 -31.10 -27.88
C ASP A 237 -20.88 -30.88 -27.02
N ALA A 238 -20.75 -29.99 -26.03
CA ALA A 238 -21.81 -29.66 -25.04
C ALA A 238 -23.14 -30.42 -25.11
N ASP A 239 -23.98 -30.09 -26.08
CA ASP A 239 -25.27 -30.76 -26.21
C ASP A 239 -25.13 -32.28 -26.31
N ARG A 240 -24.24 -32.73 -27.19
CA ARG A 240 -23.92 -34.14 -27.32
C ARG A 240 -23.67 -34.70 -25.94
N VAL A 241 -22.70 -34.10 -25.25
CA VAL A 241 -22.25 -34.56 -23.95
C VAL A 241 -23.34 -34.62 -22.88
N LEU A 242 -24.30 -33.71 -22.95
CA LEU A 242 -25.37 -33.67 -21.96
C LEU A 242 -26.46 -34.70 -22.18
N LYS A 243 -26.77 -35.03 -23.43
CA LYS A 243 -27.66 -36.15 -23.71
C LYS A 243 -26.96 -37.43 -23.23
N GLU A 244 -25.67 -37.52 -23.55
CA GLU A 244 -24.80 -38.56 -23.04
C GLU A 244 -25.02 -38.74 -21.54
N PHE A 245 -24.99 -37.64 -20.79
CA PHE A 245 -25.18 -37.70 -19.34
C PHE A 245 -26.58 -38.14 -18.96
N LYS A 246 -27.58 -37.43 -19.47
CA LYS A 246 -28.97 -37.80 -19.24
C LYS A 246 -29.17 -39.29 -19.47
N ASP A 247 -28.63 -39.78 -20.59
CA ASP A 247 -28.63 -41.20 -20.89
C ASP A 247 -27.99 -42.04 -19.77
N LEU A 248 -26.75 -41.73 -19.41
CA LEU A 248 -26.05 -42.47 -18.37
C LEU A 248 -26.90 -42.70 -17.13
N LEU A 249 -27.66 -41.69 -16.70
CA LEU A 249 -28.46 -41.85 -15.50
C LEU A 249 -29.67 -42.74 -15.76
N ASN A 250 -30.37 -42.49 -16.85
CA ASN A 250 -31.52 -43.31 -17.20
C ASN A 250 -31.16 -44.77 -16.99
N SER A 251 -30.03 -45.18 -17.55
CA SER A 251 -29.52 -46.55 -17.42
C SER A 251 -29.31 -46.93 -15.96
N TYR A 252 -28.28 -46.36 -15.34
CA TYR A 252 -27.94 -46.63 -13.95
C TYR A 252 -29.17 -46.93 -13.08
PG ATP C . 9.60 17.60 12.77
O1G ATP C . 8.90 17.93 14.06
O2G ATP C . 9.65 16.13 12.46
O3G ATP C . 9.19 18.47 11.59
PB ATP C . 12.24 16.81 13.03
O1B ATP C . 12.57 16.55 11.59
O2B ATP C . 11.68 15.73 13.89
O3B ATP C . 11.14 17.98 13.05
PA ATP C . 14.82 18.19 13.12
O1A ATP C . 14.38 19.20 12.09
O2A ATP C . 15.95 17.26 12.79
O3A ATP C . 13.53 17.44 13.78
O5' ATP C . 15.20 18.99 14.45
C5' ATP C . 14.39 18.78 15.60
C4' ATP C . 15.34 18.66 16.77
O4' ATP C . 15.72 17.28 16.96
C3' ATP C . 16.59 19.44 16.42
O3' ATP C . 16.77 20.54 17.32
C2' ATP C . 17.73 18.45 16.51
O2' ATP C . 18.81 19.01 17.28
C1' ATP C . 17.14 17.22 17.17
N9 ATP C . 17.74 15.98 16.63
C8 ATP C . 17.58 15.48 15.39
N7 ATP C . 18.30 14.34 15.21
C5 ATP C . 18.94 14.10 16.36
C6 ATP C . 19.88 13.05 16.87
N6 ATP C . 20.27 12.01 16.09
N1 ATP C . 20.32 13.17 18.14
C2 ATP C . 19.94 14.20 18.94
N3 ATP C . 19.10 15.17 18.54
C4 ATP C . 18.58 15.18 17.29
MG MG D . 11.65 20.30 11.08
#